data_1PCW
#
_entry.id   1PCW
#
_cell.length_a   84.480
_cell.length_b   84.480
_cell.length_c   159.070
_cell.angle_alpha   90.00
_cell.angle_beta   90.00
_cell.angle_gamma   120.00
#
_symmetry.space_group_name_H-M   'P 31 2 1'
#
loop_
_entity.id
_entity.type
_entity.pdbx_description
1 polymer '2-dehydro-3-deoxyphosphooctonate aldolase'
2 non-polymer 'CADMIUM ION'
3 non-polymer 1-DEOXY-6-O-PHOSPHONO-1-[(PHOSPHONOMETHYL)AMINO]-L-THREO-HEXITOL
4 water water
#
_entity_poly.entity_id   1
_entity_poly.type   'polypeptide(L)'
_entity_poly.pdbx_seq_one_letter_code
;MEKFLVIAGPCAIESEELLLKVGEEIKRLSEKFKEVEFVFKSSFDKANRSSIHSFRGHGLEYGVKALRKVKEEFGLKITT
DIHESWQAEPVAEVADIIQIPAFLCRQTDLLLAAAKTGRAVNVKKGQFLAPWDTKNVVEKLKFGGAKEIYLTERGTTFGY
NNLVVDFRSLPIMKQWAKVIYDATHSVQLPGGLGDKSGGMREFIFPLIRAAVAVGCDGVFMETHPEPEKALSDASTQLPL
SQLEGIIEAILEIREVASKYYETIPVK
;
_entity_poly.pdbx_strand_id   A,B
#
loop_
_chem_comp.id
_chem_comp.type
_chem_comp.name
_chem_comp.formula
CD non-polymer 'CADMIUM ION' 'Cd 2'
H4P non-polymer 1-DEOXY-6-O-PHOSPHONO-1-[(PHOSPHONOMETHYL)AMINO]-L-THREO-HEXITOL 'C7 H19 N O11 P2'
#
# COMPACT_ATOMS: atom_id res chain seq x y z
N GLU A 2 21.38 -23.67 8.10
CA GLU A 2 20.29 -23.04 8.91
C GLU A 2 18.96 -23.73 8.59
N LYS A 3 18.17 -23.98 9.63
CA LYS A 3 16.87 -24.65 9.48
C LYS A 3 15.96 -23.90 8.52
N PHE A 4 15.52 -24.58 7.47
CA PHE A 4 14.65 -23.99 6.46
C PHE A 4 13.26 -23.71 7.03
N LEU A 5 12.70 -22.55 6.71
CA LEU A 5 11.39 -22.19 7.22
C LEU A 5 10.26 -22.45 6.24
N VAL A 6 9.19 -23.08 6.72
CA VAL A 6 8.02 -23.31 5.87
C VAL A 6 6.83 -22.68 6.59
N ILE A 7 6.32 -21.59 6.01
CA ILE A 7 5.18 -20.89 6.58
C ILE A 7 3.99 -21.33 5.74
N ALA A 8 3.01 -21.97 6.36
CA ALA A 8 1.85 -22.46 5.63
C ALA A 8 0.57 -22.51 6.46
N GLY A 9 -0.56 -22.41 5.75
CA GLY A 9 -1.85 -22.44 6.40
C GLY A 9 -2.89 -21.85 5.50
N PRO A 10 -4.18 -21.90 5.87
CA PRO A 10 -5.24 -21.34 5.04
C PRO A 10 -5.15 -19.82 4.99
N CYS A 11 -5.39 -19.24 3.82
CA CYS A 11 -5.32 -17.80 3.65
C CYS A 11 -6.07 -17.04 4.75
N ALA A 12 -7.35 -17.36 4.92
CA ALA A 12 -8.16 -16.68 5.93
C ALA A 12 -8.69 -17.65 6.99
N ILE A 13 -8.95 -17.14 8.17
CA ILE A 13 -9.47 -17.95 9.26
C ILE A 13 -10.98 -18.07 9.03
N GLU A 14 -11.35 -18.97 8.12
CA GLU A 14 -12.74 -19.20 7.77
C GLU A 14 -13.49 -19.75 8.99
N SER A 15 -12.78 -20.50 9.83
CA SER A 15 -13.37 -21.07 11.03
C SER A 15 -12.27 -21.75 11.82
N GLU A 16 -12.48 -21.89 13.12
CA GLU A 16 -11.49 -22.53 13.97
C GLU A 16 -11.36 -24.00 13.54
N GLU A 17 -12.44 -24.54 13.01
CA GLU A 17 -12.45 -25.92 12.56
C GLU A 17 -11.47 -26.09 11.39
N LEU A 18 -11.55 -25.18 10.42
CA LEU A 18 -10.67 -25.22 9.26
C LEU A 18 -9.21 -25.15 9.73
N LEU A 19 -8.94 -24.26 10.67
CA LEU A 19 -7.57 -24.11 11.19
C LEU A 19 -7.04 -25.39 11.82
N LEU A 20 -7.85 -26.05 12.64
CA LEU A 20 -7.42 -27.27 13.30
C LEU A 20 -7.18 -28.40 12.31
N LYS A 21 -7.96 -28.44 11.23
CA LYS A 21 -7.80 -29.47 10.21
C LYS A 21 -6.45 -29.28 9.50
N VAL A 22 -6.13 -28.05 9.14
CA VAL A 22 -4.87 -27.75 8.47
C VAL A 22 -3.71 -27.93 9.44
N GLY A 23 -3.89 -27.44 10.66
CA GLY A 23 -2.86 -27.55 11.68
C GLY A 23 -2.48 -29.00 11.94
N GLU A 24 -3.47 -29.88 11.87
CA GLU A 24 -3.22 -31.30 12.11
C GLU A 24 -2.24 -31.83 11.06
N GLU A 25 -2.46 -31.47 9.81
CA GLU A 25 -1.58 -31.92 8.72
C GLU A 25 -0.21 -31.27 8.82
N ILE A 26 -0.17 -29.98 9.17
CA ILE A 26 1.11 -29.30 9.30
C ILE A 26 1.92 -29.93 10.43
N LYS A 27 1.24 -30.29 11.52
CA LYS A 27 1.91 -30.93 12.65
C LYS A 27 2.50 -32.27 12.20
N ARG A 28 1.72 -33.04 11.45
CA ARG A 28 2.20 -34.34 10.96
C ARG A 28 3.47 -34.13 10.13
N LEU A 29 3.44 -33.16 9.23
CA LEU A 29 4.59 -32.88 8.38
C LEU A 29 5.79 -32.38 9.18
N SER A 30 5.54 -31.64 10.25
CA SER A 30 6.63 -31.14 11.08
C SER A 30 7.34 -32.29 11.76
N GLU A 31 6.60 -33.38 11.98
CA GLU A 31 7.19 -34.56 12.63
C GLU A 31 8.01 -35.33 11.62
N LYS A 32 7.64 -35.26 10.34
CA LYS A 32 8.38 -35.96 9.30
C LYS A 32 9.61 -35.15 8.88
N PHE A 33 9.40 -33.89 8.52
CA PHE A 33 10.48 -33.02 8.09
C PHE A 33 11.07 -32.28 9.29
N LYS A 34 11.82 -33.00 10.11
CA LYS A 34 12.42 -32.42 11.30
C LYS A 34 13.49 -31.37 11.04
N GLU A 35 13.96 -31.26 9.79
CA GLU A 35 14.98 -30.27 9.47
C GLU A 35 14.32 -28.93 9.09
N VAL A 36 13.00 -28.93 9.08
CA VAL A 36 12.24 -27.72 8.72
C VAL A 36 11.56 -27.11 9.94
N GLU A 37 11.51 -25.79 9.98
CA GLU A 37 10.83 -25.09 11.05
C GLU A 37 9.50 -24.66 10.45
N PHE A 38 8.41 -25.25 10.94
CA PHE A 38 7.09 -24.89 10.42
C PHE A 38 6.46 -23.78 11.24
N VAL A 39 5.76 -22.88 10.55
CA VAL A 39 5.05 -21.78 11.19
C VAL A 39 3.67 -21.77 10.56
N PHE A 40 2.64 -21.92 11.40
CA PHE A 40 1.26 -21.94 10.93
C PHE A 40 0.75 -20.52 10.68
N LYS A 41 0.22 -20.28 9.49
CA LYS A 41 -0.29 -18.97 9.12
C LYS A 41 -1.74 -18.92 8.72
N SER A 42 -2.41 -17.83 9.10
CA SER A 42 -3.78 -17.57 8.73
C SER A 42 -4.15 -16.16 9.17
N SER A 43 -4.83 -15.43 8.30
CA SER A 43 -5.21 -14.05 8.58
C SER A 43 -6.56 -13.92 9.28
N PHE A 44 -6.61 -13.13 10.35
CA PHE A 44 -7.86 -12.94 11.06
C PHE A 44 -8.71 -11.93 10.28
N ASP A 45 -8.08 -11.22 9.35
CA ASP A 45 -8.80 -10.26 8.52
C ASP A 45 -8.16 -10.00 7.15
N LYS A 46 -8.97 -10.00 6.11
CA LYS A 46 -8.48 -9.69 4.77
C LYS A 46 -8.94 -8.25 4.66
N ALA A 47 -8.08 -7.35 5.14
CA ALA A 47 -8.37 -5.92 5.19
C ALA A 47 -8.21 -5.16 3.88
N ASN A 48 -7.81 -5.85 2.82
CA ASN A 48 -7.59 -5.20 1.53
C ASN A 48 -8.25 -5.87 0.32
N ARG A 49 -9.37 -6.57 0.53
CA ARG A 49 -10.04 -7.22 -0.59
C ARG A 49 -10.38 -6.18 -1.65
N SER A 50 -10.48 -6.60 -2.91
CA SER A 50 -10.82 -5.66 -3.96
C SER A 50 -12.28 -5.20 -3.82
N SER A 51 -13.16 -6.15 -3.49
CA SER A 51 -14.58 -5.85 -3.35
C SER A 51 -15.09 -5.77 -1.92
N ILE A 52 -16.00 -4.83 -1.69
CA ILE A 52 -16.61 -4.64 -0.37
C ILE A 52 -17.47 -5.86 -0.03
N HIS A 53 -17.83 -6.63 -1.04
CA HIS A 53 -18.67 -7.80 -0.87
C HIS A 53 -17.92 -9.11 -0.59
N SER A 54 -16.60 -9.06 -0.62
CA SER A 54 -15.80 -10.27 -0.38
C SER A 54 -15.58 -10.55 1.10
N PHE A 55 -15.37 -11.81 1.43
CA PHE A 55 -15.15 -12.24 2.81
C PHE A 55 -13.92 -11.58 3.42
N ARG A 56 -14.05 -11.13 4.67
CA ARG A 56 -12.94 -10.49 5.38
C ARG A 56 -12.48 -11.33 6.58
N GLY A 57 -13.42 -11.80 7.38
CA GLY A 57 -13.06 -12.60 8.52
C GLY A 57 -14.07 -12.46 9.64
N HIS A 58 -13.76 -13.05 10.79
CA HIS A 58 -14.66 -13.00 11.93
C HIS A 58 -14.16 -12.12 13.08
N GLY A 59 -13.22 -11.23 12.77
CA GLY A 59 -12.70 -10.33 13.79
C GLY A 59 -11.40 -10.78 14.42
N LEU A 60 -10.66 -9.81 14.96
CA LEU A 60 -9.38 -10.08 15.59
C LEU A 60 -9.51 -11.03 16.78
N GLU A 61 -10.48 -10.78 17.66
CA GLU A 61 -10.67 -11.63 18.84
C GLU A 61 -10.84 -13.10 18.47
N TYR A 62 -11.79 -13.39 17.58
CA TYR A 62 -12.04 -14.76 17.15
C TYR A 62 -10.78 -15.37 16.54
N GLY A 63 -10.13 -14.61 15.67
CA GLY A 63 -8.92 -15.08 15.00
C GLY A 63 -7.78 -15.44 15.93
N VAL A 64 -7.47 -14.56 16.87
CA VAL A 64 -6.40 -14.80 17.82
C VAL A 64 -6.73 -16.02 18.68
N LYS A 65 -8.01 -16.14 19.04
CA LYS A 65 -8.46 -17.26 19.85
C LYS A 65 -8.27 -18.57 19.07
N ALA A 66 -8.61 -18.55 17.78
CA ALA A 66 -8.48 -19.73 16.94
C ALA A 66 -7.00 -20.10 16.76
N LEU A 67 -6.16 -19.09 16.55
CA LEU A 67 -4.72 -19.31 16.37
C LEU A 67 -4.12 -19.87 17.67
N ARG A 68 -4.57 -19.34 18.80
CA ARG A 68 -4.06 -19.82 20.08
C ARG A 68 -4.42 -21.29 20.25
N LYS A 69 -5.58 -21.69 19.74
CA LYS A 69 -6.02 -23.07 19.83
C LYS A 69 -5.08 -23.97 19.02
N VAL A 70 -4.68 -23.50 17.85
CA VAL A 70 -3.77 -24.25 16.99
C VAL A 70 -2.45 -24.46 17.71
N LYS A 71 -1.91 -23.38 18.26
CA LYS A 71 -0.64 -23.45 18.97
C LYS A 71 -0.72 -24.35 20.20
N GLU A 72 -1.84 -24.26 20.92
CA GLU A 72 -2.07 -25.04 22.13
C GLU A 72 -2.22 -26.54 21.84
N GLU A 73 -2.97 -26.86 20.80
CA GLU A 73 -3.23 -28.24 20.44
C GLU A 73 -2.11 -28.94 19.67
N PHE A 74 -1.32 -28.18 18.91
CA PHE A 74 -0.26 -28.80 18.11
C PHE A 74 1.16 -28.34 18.42
N GLY A 75 1.30 -27.33 19.26
CA GLY A 75 2.63 -26.83 19.60
C GLY A 75 3.32 -26.22 18.40
N LEU A 76 2.54 -25.62 17.50
CA LEU A 76 3.10 -24.98 16.30
C LEU A 76 3.27 -23.49 16.47
N LYS A 77 4.34 -22.95 15.88
CA LYS A 77 4.57 -21.51 15.93
C LYS A 77 3.46 -20.88 15.09
N ILE A 78 3.17 -19.62 15.37
CA ILE A 78 2.09 -18.92 14.70
C ILE A 78 2.50 -17.59 14.07
N THR A 79 1.87 -17.27 12.95
CA THR A 79 2.10 -16.00 12.28
C THR A 79 0.77 -15.51 11.68
N THR A 80 0.55 -14.21 11.73
CA THR A 80 -0.64 -13.61 11.14
C THR A 80 -0.28 -12.16 10.85
N ASP A 81 -1.05 -11.51 9.99
CA ASP A 81 -0.75 -10.14 9.63
C ASP A 81 -1.59 -9.09 10.34
N ILE A 82 -1.01 -7.90 10.53
CA ILE A 82 -1.72 -6.81 11.17
C ILE A 82 -1.93 -5.73 10.13
N HIS A 83 -2.95 -4.89 10.36
CA HIS A 83 -3.31 -3.87 9.39
C HIS A 83 -3.26 -2.44 9.91
N GLU A 84 -3.36 -2.28 11.22
CA GLU A 84 -3.27 -0.98 11.85
C GLU A 84 -2.46 -1.20 13.13
N SER A 85 -1.74 -0.15 13.55
CA SER A 85 -0.86 -0.22 14.70
C SER A 85 -1.41 -0.82 15.99
N TRP A 86 -2.65 -0.49 16.33
CA TRP A 86 -3.25 -1.00 17.56
C TRP A 86 -3.34 -2.53 17.63
N GLN A 87 -3.30 -3.19 16.47
CA GLN A 87 -3.42 -4.65 16.46
C GLN A 87 -2.15 -5.39 16.85
N ALA A 88 -1.01 -4.71 16.80
CA ALA A 88 0.27 -5.35 17.13
C ALA A 88 0.32 -5.97 18.52
N GLU A 89 -0.11 -5.22 19.53
CA GLU A 89 -0.08 -5.70 20.91
C GLU A 89 -0.90 -6.97 21.11
N PRO A 90 -2.21 -6.92 20.82
CA PRO A 90 -3.01 -8.14 21.03
C PRO A 90 -2.57 -9.33 20.18
N VAL A 91 -2.15 -9.08 18.94
CA VAL A 91 -1.71 -10.15 18.06
C VAL A 91 -0.43 -10.78 18.59
N ALA A 92 0.45 -9.94 19.14
CA ALA A 92 1.72 -10.42 19.67
C ALA A 92 1.54 -11.42 20.82
N GLU A 93 0.35 -11.47 21.39
CA GLU A 93 0.10 -12.40 22.49
C GLU A 93 0.14 -13.85 22.01
N VAL A 94 -0.08 -14.06 20.71
CA VAL A 94 -0.09 -15.41 20.16
C VAL A 94 0.88 -15.62 18.99
N ALA A 95 1.05 -14.58 18.17
CA ALA A 95 1.92 -14.68 17.00
C ALA A 95 3.41 -14.64 17.32
N ASP A 96 4.14 -15.62 16.81
CA ASP A 96 5.58 -15.71 16.98
C ASP A 96 6.23 -14.78 15.96
N ILE A 97 5.56 -14.63 14.82
CA ILE A 97 6.03 -13.76 13.75
C ILE A 97 4.87 -12.86 13.32
N ILE A 98 5.08 -11.55 13.36
CA ILE A 98 4.04 -10.61 12.95
C ILE A 98 4.30 -10.26 11.48
N GLN A 99 3.28 -10.47 10.66
CA GLN A 99 3.40 -10.21 9.22
C GLN A 99 2.88 -8.83 8.82
N ILE A 100 3.65 -8.15 7.98
CA ILE A 100 3.28 -6.83 7.47
C ILE A 100 2.84 -6.99 6.02
N PRO A 101 1.57 -6.64 5.71
CA PRO A 101 1.06 -6.76 4.33
C PRO A 101 1.89 -5.97 3.30
N ALA A 102 1.92 -6.49 2.08
CA ALA A 102 2.67 -5.88 0.98
C ALA A 102 2.34 -4.40 0.74
N PHE A 103 1.06 -4.05 0.71
CA PHE A 103 0.68 -2.67 0.46
C PHE A 103 1.11 -1.75 1.61
N LEU A 104 1.32 -2.32 2.79
CA LEU A 104 1.67 -1.55 3.98
C LEU A 104 3.15 -1.61 4.38
N CYS A 105 4.02 -2.09 3.50
CA CYS A 105 5.44 -2.23 3.83
C CYS A 105 6.19 -0.92 4.07
N ARG A 106 5.56 0.20 3.75
CA ARG A 106 6.18 1.51 3.95
C ARG A 106 5.53 2.31 5.09
N GLN A 107 4.50 1.76 5.72
CA GLN A 107 3.83 2.45 6.82
C GLN A 107 4.66 2.34 8.09
N THR A 108 5.43 3.39 8.35
CA THR A 108 6.34 3.47 9.48
C THR A 108 5.76 3.06 10.85
N ASP A 109 4.60 3.60 11.21
CA ASP A 109 4.00 3.27 12.49
C ASP A 109 3.59 1.81 12.64
N LEU A 110 3.19 1.17 11.55
CA LEU A 110 2.79 -0.23 11.60
C LEU A 110 4.06 -1.07 11.85
N LEU A 111 5.12 -0.76 11.13
CA LEU A 111 6.38 -1.48 11.30
C LEU A 111 6.91 -1.29 12.73
N LEU A 112 6.84 -0.06 13.22
CA LEU A 112 7.29 0.24 14.58
C LEU A 112 6.43 -0.48 15.62
N ALA A 113 5.12 -0.53 15.40
CA ALA A 113 4.22 -1.21 16.33
C ALA A 113 4.58 -2.69 16.44
N ALA A 114 4.88 -3.29 15.30
CA ALA A 114 5.25 -4.70 15.26
C ALA A 114 6.59 -4.93 15.97
N ALA A 115 7.57 -4.09 15.63
CA ALA A 115 8.92 -4.23 16.19
C ALA A 115 9.04 -4.14 17.71
N LYS A 116 8.27 -3.27 18.35
CA LYS A 116 8.36 -3.11 19.81
C LYS A 116 7.74 -4.25 20.61
N THR A 117 7.06 -5.18 19.94
CA THR A 117 6.43 -6.31 20.63
C THR A 117 7.46 -7.35 21.04
N GLY A 118 8.64 -7.30 20.42
CA GLY A 118 9.67 -8.28 20.73
C GLY A 118 9.53 -9.54 19.89
N ARG A 119 8.51 -9.57 19.05
CA ARG A 119 8.26 -10.72 18.18
C ARG A 119 9.02 -10.55 16.86
N ALA A 120 9.21 -11.64 16.14
CA ALA A 120 9.90 -11.56 14.85
C ALA A 120 8.94 -10.84 13.91
N VAL A 121 9.46 -10.19 12.88
CA VAL A 121 8.61 -9.47 11.94
C VAL A 121 8.95 -9.85 10.50
N ASN A 122 7.91 -10.18 9.73
CA ASN A 122 8.09 -10.56 8.34
C ASN A 122 7.32 -9.58 7.44
N VAL A 123 8.07 -8.84 6.64
CA VAL A 123 7.47 -7.86 5.74
C VAL A 123 7.34 -8.37 4.31
N LYS A 124 6.12 -8.35 3.78
CA LYS A 124 5.89 -8.76 2.41
C LYS A 124 6.36 -7.58 1.56
N LYS A 125 7.23 -7.83 0.58
CA LYS A 125 7.72 -6.74 -0.25
C LYS A 125 6.62 -6.23 -1.17
N GLY A 126 6.37 -4.94 -1.10
CA GLY A 126 5.33 -4.34 -1.93
C GLY A 126 5.57 -4.56 -3.40
N GLN A 127 4.47 -4.70 -4.15
CA GLN A 127 4.52 -4.92 -5.59
C GLN A 127 5.14 -3.71 -6.31
N PHE A 128 5.25 -2.60 -5.59
CA PHE A 128 5.80 -1.36 -6.12
C PHE A 128 7.25 -1.11 -5.73
N LEU A 129 7.75 -1.92 -4.79
CA LEU A 129 9.09 -1.74 -4.24
C LEU A 129 10.21 -2.48 -4.94
N ALA A 130 11.32 -1.77 -5.19
CA ALA A 130 12.50 -2.39 -5.82
C ALA A 130 13.21 -3.16 -4.71
N PRO A 131 13.93 -4.26 -5.06
CA PRO A 131 14.65 -5.08 -4.09
C PRO A 131 15.60 -4.30 -3.19
N TRP A 132 16.39 -3.41 -3.79
CA TRP A 132 17.35 -2.63 -3.01
C TRP A 132 16.72 -1.64 -2.04
N ASP A 133 15.44 -1.31 -2.24
CA ASP A 133 14.78 -0.38 -1.35
C ASP A 133 14.20 -1.03 -0.09
N THR A 134 14.46 -2.32 0.09
CA THR A 134 14.00 -3.01 1.28
C THR A 134 15.01 -2.75 2.40
N LYS A 135 16.19 -2.24 2.03
CA LYS A 135 17.20 -1.96 3.03
C LYS A 135 16.65 -0.99 4.08
N ASN A 136 15.93 0.04 3.64
CA ASN A 136 15.36 1.01 4.57
C ASN A 136 14.23 0.42 5.41
N VAL A 137 13.55 -0.60 4.88
CA VAL A 137 12.47 -1.26 5.62
C VAL A 137 13.07 -1.98 6.82
N VAL A 138 14.17 -2.69 6.58
CA VAL A 138 14.86 -3.41 7.65
C VAL A 138 15.42 -2.41 8.66
N GLU A 139 15.95 -1.29 8.16
CA GLU A 139 16.48 -0.27 9.05
C GLU A 139 15.40 0.25 9.99
N LYS A 140 14.19 0.45 9.46
CA LYS A 140 13.08 0.92 10.29
C LYS A 140 12.78 -0.08 11.39
N LEU A 141 12.75 -1.36 11.04
CA LEU A 141 12.47 -2.40 12.02
C LEU A 141 13.55 -2.49 13.11
N LYS A 142 14.82 -2.46 12.69
CA LYS A 142 15.91 -2.53 13.67
C LYS A 142 15.81 -1.32 14.59
N PHE A 143 15.51 -0.16 14.01
CA PHE A 143 15.36 1.09 14.76
C PHE A 143 14.27 0.87 15.81
N GLY A 144 13.19 0.20 15.40
CA GLY A 144 12.08 -0.06 16.29
C GLY A 144 12.26 -1.21 17.27
N GLY A 145 13.43 -1.84 17.27
CA GLY A 145 13.70 -2.93 18.19
C GLY A 145 13.57 -4.37 17.71
N ALA A 146 13.31 -4.57 16.42
CA ALA A 146 13.18 -5.92 15.88
C ALA A 146 14.53 -6.60 15.77
N LYS A 147 14.61 -7.84 16.26
CA LYS A 147 15.86 -8.58 16.23
C LYS A 147 15.84 -9.76 15.25
N GLU A 148 14.65 -10.17 14.83
CA GLU A 148 14.51 -11.26 13.88
C GLU A 148 13.61 -10.71 12.77
N ILE A 149 14.22 -10.45 11.62
CA ILE A 149 13.52 -9.85 10.50
C ILE A 149 13.54 -10.67 9.22
N TYR A 150 12.38 -10.75 8.57
CA TYR A 150 12.28 -11.47 7.30
C TYR A 150 11.68 -10.54 6.25
N LEU A 151 12.05 -10.78 4.99
CA LEU A 151 11.53 -10.05 3.86
C LEU A 151 10.97 -11.12 2.94
N THR A 152 9.73 -10.94 2.50
CA THR A 152 9.09 -11.92 1.63
C THR A 152 8.87 -11.43 0.21
N GLU A 153 9.38 -12.20 -0.75
CA GLU A 153 9.21 -11.92 -2.16
C GLU A 153 7.82 -12.42 -2.58
N ARG A 154 6.99 -11.55 -3.14
CA ARG A 154 5.65 -11.96 -3.57
C ARG A 154 5.27 -11.38 -4.93
N GLY A 155 6.28 -11.07 -5.74
CA GLY A 155 6.02 -10.53 -7.06
C GLY A 155 6.07 -9.02 -7.17
N THR A 156 6.17 -8.54 -8.40
CA THR A 156 6.26 -7.12 -8.70
C THR A 156 5.31 -6.76 -9.83
N THR A 157 4.70 -5.58 -9.73
CA THR A 157 3.77 -5.11 -10.75
C THR A 157 4.43 -5.18 -12.13
N PHE A 158 3.78 -5.89 -13.06
CA PHE A 158 4.30 -6.04 -14.42
C PHE A 158 3.13 -5.78 -15.36
N GLY A 159 2.94 -4.52 -15.72
CA GLY A 159 1.82 -4.15 -16.56
C GLY A 159 0.60 -4.21 -15.66
N TYR A 160 -0.58 -4.31 -16.24
CA TYR A 160 -1.80 -4.37 -15.45
C TYR A 160 -2.24 -5.81 -15.14
N ASN A 161 -2.76 -6.00 -13.93
CA ASN A 161 -3.27 -7.29 -13.48
C ASN A 161 -2.32 -8.45 -13.69
N ASN A 162 -1.03 -8.23 -13.44
CA ASN A 162 -0.05 -9.28 -13.61
C ASN A 162 1.16 -9.00 -12.73
N LEU A 163 1.74 -10.05 -12.18
CA LEU A 163 2.92 -9.91 -11.34
C LEU A 163 4.02 -10.80 -11.89
N VAL A 164 5.25 -10.33 -11.80
CA VAL A 164 6.39 -11.11 -12.26
C VAL A 164 7.31 -11.26 -11.07
N VAL A 165 8.03 -12.38 -11.02
CA VAL A 165 8.99 -12.58 -9.94
C VAL A 165 10.39 -12.37 -10.48
N ASP A 166 11.05 -11.32 -10.01
CA ASP A 166 12.41 -11.00 -10.42
C ASP A 166 13.27 -11.72 -9.38
N PHE A 167 13.74 -12.92 -9.70
CA PHE A 167 14.52 -13.68 -8.74
C PHE A 167 15.84 -13.06 -8.32
N ARG A 168 16.25 -11.98 -8.97
CA ARG A 168 17.48 -11.31 -8.56
C ARG A 168 17.24 -10.70 -7.18
N SER A 169 15.96 -10.53 -6.82
CA SER A 169 15.60 -9.95 -5.53
C SER A 169 16.04 -10.81 -4.33
N LEU A 170 16.10 -12.13 -4.52
CA LEU A 170 16.51 -12.99 -3.42
C LEU A 170 17.93 -12.71 -2.92
N PRO A 171 18.94 -12.73 -3.81
CA PRO A 171 20.28 -12.44 -3.29
C PRO A 171 20.45 -10.97 -2.86
N ILE A 172 19.68 -10.07 -3.47
CA ILE A 172 19.78 -8.65 -3.11
C ILE A 172 19.24 -8.42 -1.70
N MET A 173 18.05 -8.93 -1.42
CA MET A 173 17.46 -8.74 -0.09
C MET A 173 18.21 -9.51 1.00
N LYS A 174 18.83 -10.63 0.63
CA LYS A 174 19.58 -11.44 1.58
C LYS A 174 20.70 -10.63 2.23
N GLN A 175 21.07 -9.52 1.61
CA GLN A 175 22.13 -8.67 2.15
C GLN A 175 21.78 -8.10 3.53
N TRP A 176 20.49 -7.93 3.79
CA TRP A 176 20.07 -7.34 5.05
C TRP A 176 19.01 -8.06 5.89
N ALA A 177 18.48 -9.17 5.39
CA ALA A 177 17.48 -9.92 6.15
C ALA A 177 17.32 -11.32 5.60
N LYS A 178 16.66 -12.19 6.36
CA LYS A 178 16.41 -13.54 5.90
C LYS A 178 15.34 -13.38 4.84
N VAL A 179 15.39 -14.21 3.80
CA VAL A 179 14.42 -14.07 2.71
C VAL A 179 13.46 -15.23 2.54
N ILE A 180 12.17 -14.89 2.40
CA ILE A 180 11.13 -15.88 2.23
C ILE A 180 10.49 -15.72 0.85
N TYR A 181 10.17 -16.83 0.21
CA TYR A 181 9.52 -16.78 -1.10
C TYR A 181 8.04 -17.16 -0.95
N ASP A 182 7.15 -16.26 -1.33
CA ASP A 182 5.70 -16.47 -1.27
C ASP A 182 5.33 -17.18 -2.56
N ALA A 183 5.13 -18.49 -2.48
CA ALA A 183 4.83 -19.29 -3.66
C ALA A 183 3.42 -19.17 -4.22
N THR A 184 2.46 -18.73 -3.41
CA THR A 184 1.10 -18.63 -3.91
C THR A 184 0.65 -17.25 -4.40
N HIS A 185 1.06 -16.18 -3.74
CA HIS A 185 0.65 -14.85 -4.19
C HIS A 185 1.46 -14.33 -5.38
N SER A 186 2.65 -14.90 -5.60
CA SER A 186 3.48 -14.46 -6.71
C SER A 186 2.94 -14.82 -8.09
N VAL A 187 1.93 -15.69 -8.11
CA VAL A 187 1.32 -16.12 -9.38
C VAL A 187 -0.12 -15.62 -9.51
N GLN A 188 -0.56 -14.79 -8.56
CA GLN A 188 -1.91 -14.26 -8.61
C GLN A 188 -2.01 -13.14 -9.64
N LEU A 189 -3.19 -12.98 -10.21
CA LEU A 189 -3.44 -11.94 -11.20
C LEU A 189 -4.29 -10.87 -10.51
N PRO A 190 -3.64 -9.81 -10.01
CA PRO A 190 -4.30 -8.70 -9.31
C PRO A 190 -5.56 -8.18 -10.00
N GLY A 191 -6.67 -8.16 -9.27
CA GLY A 191 -7.93 -7.68 -9.80
C GLY A 191 -8.37 -8.33 -11.10
N GLY A 192 -7.73 -9.44 -11.46
CA GLY A 192 -8.09 -10.13 -12.68
C GLY A 192 -9.55 -10.52 -12.76
N GLY A 199 -5.29 -15.95 -10.50
CA GLY A 199 -3.93 -16.47 -10.50
C GLY A 199 -3.82 -17.76 -11.27
N MET A 200 -2.59 -18.19 -11.54
CA MET A 200 -2.35 -19.41 -12.30
C MET A 200 -1.63 -20.45 -11.44
N ARG A 201 -2.43 -21.35 -10.85
CA ARG A 201 -1.90 -22.40 -9.98
C ARG A 201 -0.88 -23.31 -10.64
N GLU A 202 -0.93 -23.42 -11.97
CA GLU A 202 0.00 -24.28 -12.69
C GLU A 202 1.45 -23.79 -12.61
N PHE A 203 1.63 -22.53 -12.19
CA PHE A 203 2.99 -22.00 -12.09
C PHE A 203 3.54 -21.97 -10.67
N ILE A 204 2.71 -22.32 -9.68
CA ILE A 204 3.17 -22.31 -8.30
C ILE A 204 4.38 -23.22 -8.06
N PHE A 205 4.29 -24.47 -8.48
CA PHE A 205 5.37 -25.42 -8.28
C PHE A 205 6.66 -25.06 -9.04
N PRO A 206 6.56 -24.78 -10.36
CA PRO A 206 7.83 -24.44 -11.02
C PRO A 206 8.55 -23.23 -10.44
N LEU A 207 7.81 -22.20 -10.06
CA LEU A 207 8.46 -21.02 -9.49
C LEU A 207 9.03 -21.28 -8.10
N ILE A 208 8.42 -22.18 -7.35
CA ILE A 208 8.96 -22.47 -6.02
C ILE A 208 10.27 -23.24 -6.21
N ARG A 209 10.34 -24.06 -7.27
CA ARG A 209 11.58 -24.80 -7.54
C ARG A 209 12.68 -23.79 -7.86
N ALA A 210 12.31 -22.73 -8.58
CA ALA A 210 13.26 -21.68 -8.94
C ALA A 210 13.80 -20.98 -7.69
N ALA A 211 12.89 -20.64 -6.77
CA ALA A 211 13.26 -19.95 -5.54
C ALA A 211 14.29 -20.71 -4.72
N VAL A 212 14.08 -22.01 -4.53
CA VAL A 212 15.04 -22.79 -3.74
C VAL A 212 16.34 -23.04 -4.48
N ALA A 213 16.31 -23.08 -5.80
CA ALA A 213 17.55 -23.29 -6.56
C ALA A 213 18.41 -22.02 -6.47
N VAL A 214 17.77 -20.87 -6.51
CA VAL A 214 18.47 -19.59 -6.40
C VAL A 214 18.98 -19.49 -4.97
N GLY A 215 18.10 -19.82 -4.03
CA GLY A 215 18.44 -19.80 -2.62
C GLY A 215 17.66 -18.81 -1.78
N CYS A 216 16.91 -19.32 -0.81
CA CYS A 216 16.14 -18.48 0.09
C CYS A 216 16.16 -19.17 1.46
N ASP A 217 15.64 -18.50 2.48
CA ASP A 217 15.65 -19.06 3.82
C ASP A 217 14.35 -19.74 4.20
N GLY A 218 13.36 -19.68 3.31
CA GLY A 218 12.09 -20.31 3.58
C GLY A 218 11.09 -20.03 2.48
N VAL A 219 9.94 -20.69 2.58
CA VAL A 219 8.87 -20.51 1.61
C VAL A 219 7.56 -20.31 2.34
N PHE A 220 6.66 -19.58 1.70
CA PHE A 220 5.36 -19.25 2.27
C PHE A 220 4.34 -19.83 1.29
N MET A 221 3.43 -20.65 1.79
CA MET A 221 2.41 -21.28 0.95
C MET A 221 1.06 -21.33 1.63
N GLU A 222 0.04 -20.76 0.99
CA GLU A 222 -1.29 -20.84 1.55
C GLU A 222 -1.82 -22.19 1.09
N THR A 223 -2.47 -22.91 2.00
CA THR A 223 -2.99 -24.23 1.67
C THR A 223 -4.37 -24.39 2.30
N HIS A 224 -5.25 -25.09 1.60
CA HIS A 224 -6.62 -25.28 2.04
C HIS A 224 -7.07 -26.69 1.64
N PRO A 225 -7.87 -27.36 2.49
CA PRO A 225 -8.33 -28.72 2.15
C PRO A 225 -9.01 -28.75 0.78
N GLU A 226 -9.82 -27.73 0.50
CA GLU A 226 -10.54 -27.65 -0.77
C GLU A 226 -10.53 -26.20 -1.27
N PRO A 227 -9.43 -25.79 -1.92
CA PRO A 227 -9.24 -24.44 -2.46
C PRO A 227 -10.45 -23.87 -3.22
N GLU A 228 -11.12 -24.73 -3.99
CA GLU A 228 -12.28 -24.32 -4.77
C GLU A 228 -13.38 -23.71 -3.90
N LYS A 229 -13.39 -24.06 -2.62
CA LYS A 229 -14.41 -23.56 -1.69
C LYS A 229 -13.87 -22.47 -0.76
N ALA A 230 -12.61 -22.12 -0.93
CA ALA A 230 -11.99 -21.10 -0.08
C ALA A 230 -12.73 -19.77 -0.22
N LEU A 231 -12.76 -19.00 0.86
CA LEU A 231 -13.44 -17.71 0.86
C LEU A 231 -12.51 -16.59 0.39
N SER A 232 -11.27 -16.95 0.12
CA SER A 232 -10.28 -15.99 -0.39
C SER A 232 -9.16 -16.78 -1.09
N ASP A 233 -8.62 -16.19 -2.16
CA ASP A 233 -7.56 -16.83 -2.93
C ASP A 233 -7.90 -18.26 -3.31
N ALA A 234 -9.13 -18.48 -3.75
CA ALA A 234 -9.58 -19.81 -4.14
C ALA A 234 -8.84 -20.31 -5.38
N SER A 235 -8.27 -19.39 -6.15
CA SER A 235 -7.54 -19.74 -7.36
C SER A 235 -6.06 -20.02 -7.14
N THR A 236 -5.52 -19.62 -5.99
CA THR A 236 -4.11 -19.81 -5.71
C THR A 236 -3.74 -20.72 -4.53
N GLN A 237 -4.65 -20.93 -3.59
CA GLN A 237 -4.33 -21.80 -2.45
C GLN A 237 -4.08 -23.23 -2.90
N LEU A 238 -3.01 -23.82 -2.35
CA LEU A 238 -2.63 -25.19 -2.68
C LEU A 238 -3.46 -26.23 -1.94
N PRO A 239 -3.93 -27.28 -2.65
CA PRO A 239 -4.72 -28.29 -1.96
C PRO A 239 -3.83 -28.86 -0.86
N LEU A 240 -4.38 -29.05 0.33
CA LEU A 240 -3.61 -29.57 1.47
C LEU A 240 -2.91 -30.89 1.19
N SER A 241 -3.54 -31.77 0.43
CA SER A 241 -2.96 -33.07 0.13
C SER A 241 -1.67 -33.00 -0.70
N GLN A 242 -1.46 -31.86 -1.36
CA GLN A 242 -0.27 -31.68 -2.18
C GLN A 242 0.92 -31.07 -1.42
N LEU A 243 0.66 -30.58 -0.21
CA LEU A 243 1.71 -29.93 0.57
C LEU A 243 2.94 -30.80 0.84
N GLU A 244 2.73 -32.02 1.31
CA GLU A 244 3.85 -32.92 1.60
C GLU A 244 4.79 -33.12 0.42
N GLY A 245 4.23 -33.41 -0.75
CA GLY A 245 5.06 -33.64 -1.92
C GLY A 245 5.84 -32.41 -2.36
N ILE A 246 5.23 -31.24 -2.25
CA ILE A 246 5.90 -30.00 -2.62
C ILE A 246 7.06 -29.71 -1.67
N ILE A 247 6.85 -29.96 -0.38
CA ILE A 247 7.89 -29.73 0.62
C ILE A 247 9.05 -30.68 0.39
N GLU A 248 8.76 -31.94 0.09
CA GLU A 248 9.84 -32.90 -0.17
C GLU A 248 10.65 -32.41 -1.36
N ALA A 249 9.98 -31.99 -2.42
CA ALA A 249 10.68 -31.50 -3.62
C ALA A 249 11.55 -30.30 -3.26
N ILE A 250 11.02 -29.40 -2.44
CA ILE A 250 11.74 -28.20 -2.01
C ILE A 250 13.07 -28.54 -1.35
N LEU A 251 13.00 -29.45 -0.38
CA LEU A 251 14.17 -29.87 0.37
C LEU A 251 15.22 -30.56 -0.51
N GLU A 252 14.77 -31.39 -1.45
CA GLU A 252 15.69 -32.09 -2.36
C GLU A 252 16.44 -31.12 -3.26
N ILE A 253 15.71 -30.18 -3.86
CA ILE A 253 16.34 -29.20 -4.74
C ILE A 253 17.26 -28.27 -3.94
N ARG A 254 16.82 -27.89 -2.74
CA ARG A 254 17.62 -27.04 -1.86
C ARG A 254 18.95 -27.71 -1.55
N GLU A 255 18.89 -29.00 -1.19
CA GLU A 255 20.07 -29.75 -0.84
C GLU A 255 21.10 -29.81 -1.96
N VAL A 256 20.66 -30.21 -3.16
CA VAL A 256 21.58 -30.32 -4.29
C VAL A 256 22.10 -28.97 -4.77
N ALA A 257 21.32 -27.91 -4.59
CA ALA A 257 21.76 -26.59 -5.02
C ALA A 257 22.57 -25.86 -3.95
N SER A 258 22.33 -26.21 -2.69
CA SER A 258 22.98 -25.55 -1.55
C SER A 258 24.47 -25.26 -1.60
N LYS A 259 25.28 -26.19 -2.11
CA LYS A 259 26.71 -25.97 -2.16
C LYS A 259 27.10 -24.80 -3.07
N TYR A 260 26.17 -24.39 -3.94
CA TYR A 260 26.42 -23.30 -4.87
C TYR A 260 25.88 -21.94 -4.44
N TYR A 261 25.15 -21.91 -3.33
CA TYR A 261 24.59 -20.65 -2.84
C TYR A 261 25.77 -19.70 -2.58
N GLU A 262 25.69 -18.50 -3.12
CA GLU A 262 26.75 -17.50 -2.94
C GLU A 262 26.73 -16.90 -1.55
N THR A 263 27.90 -16.52 -1.05
CA THR A 263 28.01 -15.91 0.27
C THR A 263 27.69 -14.41 0.15
N ILE A 264 26.95 -13.88 1.12
CA ILE A 264 26.58 -12.47 1.11
C ILE A 264 27.63 -11.58 1.79
N LYS B 3 -17.15 23.60 -11.49
CA LYS B 3 -15.87 24.36 -11.64
C LYS B 3 -14.67 23.43 -11.63
N PHE B 4 -13.62 23.82 -12.35
CA PHE B 4 -12.41 23.02 -12.41
C PHE B 4 -11.75 23.09 -11.03
N LEU B 5 -11.29 21.96 -10.54
CA LEU B 5 -10.67 21.90 -9.22
C LEU B 5 -9.16 22.01 -9.26
N VAL B 6 -8.60 22.83 -8.37
CA VAL B 6 -7.17 22.97 -8.25
C VAL B 6 -6.82 22.74 -6.78
N ILE B 7 -6.17 21.63 -6.50
CA ILE B 7 -5.76 21.29 -5.14
C ILE B 7 -4.29 21.62 -5.07
N ALA B 8 -3.90 22.50 -4.14
CA ALA B 8 -2.50 22.89 -4.03
C ALA B 8 -2.08 23.30 -2.64
N GLY B 9 -0.77 23.24 -2.40
CA GLY B 9 -0.20 23.59 -1.12
C GLY B 9 1.12 22.87 -0.90
N PRO B 10 1.83 23.14 0.21
CA PRO B 10 3.11 22.48 0.48
C PRO B 10 2.89 21.01 0.82
N CYS B 11 3.83 20.16 0.44
CA CYS B 11 3.70 18.73 0.71
C CYS B 11 3.42 18.43 2.18
N ALA B 12 4.26 18.96 3.05
CA ALA B 12 4.11 18.74 4.48
C ALA B 12 3.91 20.03 5.26
N ILE B 13 3.25 19.91 6.41
CA ILE B 13 3.01 21.07 7.25
C ILE B 13 4.29 21.31 8.04
N GLU B 14 5.24 21.98 7.41
CA GLU B 14 6.51 22.29 8.04
C GLU B 14 6.34 23.27 9.19
N SER B 15 5.24 24.03 9.15
CA SER B 15 4.91 25.02 10.17
C SER B 15 3.68 25.77 9.69
N GLU B 16 2.81 26.19 10.61
CA GLU B 16 1.62 26.90 10.20
C GLU B 16 2.01 28.18 9.47
N GLU B 17 3.21 28.67 9.76
CA GLU B 17 3.71 29.88 9.12
C GLU B 17 3.79 29.63 7.61
N LEU B 18 4.42 28.51 7.24
CA LEU B 18 4.56 28.14 5.85
C LEU B 18 3.18 28.03 5.19
N LEU B 19 2.23 27.42 5.89
CA LEU B 19 0.88 27.26 5.35
C LEU B 19 0.20 28.61 5.10
N LEU B 20 0.46 29.56 5.99
CA LEU B 20 -0.15 30.88 5.84
C LEU B 20 0.42 31.62 4.63
N LYS B 21 1.71 31.48 4.41
CA LYS B 21 2.36 32.13 3.28
C LYS B 21 1.82 31.54 1.97
N VAL B 22 1.69 30.23 1.92
CA VAL B 22 1.17 29.58 0.73
C VAL B 22 -0.33 29.87 0.62
N GLY B 23 -1.01 29.85 1.77
CA GLY B 23 -2.44 30.12 1.78
C GLY B 23 -2.77 31.50 1.22
N GLU B 24 -1.90 32.46 1.50
CA GLU B 24 -2.08 33.82 1.02
C GLU B 24 -2.05 33.89 -0.51
N GLU B 25 -1.11 33.16 -1.12
CA GLU B 25 -0.99 33.15 -2.57
C GLU B 25 -2.16 32.39 -3.21
N ILE B 26 -2.54 31.28 -2.60
CA ILE B 26 -3.66 30.50 -3.12
C ILE B 26 -4.96 31.28 -2.98
N LYS B 27 -5.05 32.10 -1.94
CA LYS B 27 -6.22 32.94 -1.73
C LYS B 27 -6.29 33.98 -2.85
N ARG B 28 -5.15 34.56 -3.18
CA ARG B 28 -5.06 35.57 -4.22
C ARG B 28 -5.49 34.99 -5.57
N LEU B 29 -4.94 33.84 -5.91
CA LEU B 29 -5.27 33.17 -7.17
C LEU B 29 -6.75 32.81 -7.17
N SER B 30 -7.27 32.46 -6.01
CA SER B 30 -8.68 32.11 -5.87
C SER B 30 -9.55 33.30 -6.25
N GLU B 31 -9.07 34.50 -5.90
CA GLU B 31 -9.80 35.72 -6.22
C GLU B 31 -9.66 36.08 -7.68
N LYS B 32 -8.52 35.71 -8.26
CA LYS B 32 -8.23 35.99 -9.66
C LYS B 32 -8.95 35.04 -10.62
N PHE B 33 -9.02 33.75 -10.25
CA PHE B 33 -9.68 32.76 -11.09
C PHE B 33 -10.97 32.25 -10.44
N LYS B 34 -12.04 33.02 -10.61
CA LYS B 34 -13.33 32.67 -10.02
C LYS B 34 -13.96 31.40 -10.58
N GLU B 35 -13.54 30.99 -11.78
CA GLU B 35 -14.10 29.79 -12.40
C GLU B 35 -13.43 28.53 -11.87
N VAL B 36 -12.48 28.71 -10.95
CA VAL B 36 -11.76 27.58 -10.38
C VAL B 36 -12.07 27.41 -8.89
N GLU B 37 -12.23 26.16 -8.47
CA GLU B 37 -12.47 25.86 -7.07
C GLU B 37 -11.11 25.44 -6.49
N PHE B 38 -10.57 26.27 -5.62
CA PHE B 38 -9.28 25.98 -5.00
C PHE B 38 -9.46 25.23 -3.68
N VAL B 39 -8.54 24.31 -3.41
CA VAL B 39 -8.56 23.55 -2.17
C VAL B 39 -7.12 23.51 -1.67
N PHE B 40 -6.91 24.00 -0.45
CA PHE B 40 -5.58 24.03 0.15
C PHE B 40 -5.23 22.65 0.69
N LYS B 41 -4.04 22.16 0.36
CA LYS B 41 -3.61 20.84 0.80
C LYS B 41 -2.24 20.82 1.47
N SER B 42 -2.12 20.00 2.51
CA SER B 42 -0.86 19.80 3.22
C SER B 42 -1.04 18.63 4.17
N SER B 43 -0.01 17.79 4.27
CA SER B 43 -0.05 16.60 5.11
C SER B 43 0.47 16.86 6.53
N PHE B 44 -0.27 16.42 7.53
CA PHE B 44 0.16 16.60 8.91
C PHE B 44 1.19 15.54 9.27
N ASP B 45 1.30 14.52 8.43
CA ASP B 45 2.28 13.46 8.67
C ASP B 45 2.64 12.70 7.39
N LYS B 46 3.93 12.51 7.17
CA LYS B 46 4.42 11.76 6.03
C LYS B 46 4.65 10.41 6.68
N ALA B 47 3.61 9.61 6.69
CA ALA B 47 3.62 8.29 7.34
C ALA B 47 4.27 7.16 6.58
N ASN B 48 4.70 7.42 5.34
CA ASN B 48 5.31 6.38 4.53
C ASN B 48 6.67 6.72 3.93
N ARG B 49 7.47 7.53 4.63
CA ARG B 49 8.80 7.89 4.12
C ARG B 49 9.63 6.64 3.97
N SER B 50 10.56 6.66 3.01
CA SER B 50 11.42 5.50 2.80
C SER B 50 12.33 5.30 4.00
N SER B 51 12.92 6.39 4.49
CA SER B 51 13.83 6.32 5.63
C SER B 51 13.22 6.71 6.97
N ILE B 52 13.63 6.00 8.01
CA ILE B 52 13.18 6.26 9.37
C ILE B 52 13.73 7.62 9.85
N HIS B 53 14.81 8.08 9.20
CA HIS B 53 15.43 9.34 9.59
C HIS B 53 14.96 10.57 8.80
N SER B 54 13.88 10.43 8.07
CA SER B 54 13.33 11.54 7.28
C SER B 54 12.24 12.29 8.03
N PHE B 55 11.96 13.51 7.59
CA PHE B 55 10.93 14.35 8.21
C PHE B 55 9.53 13.78 8.08
N ARG B 56 8.81 13.69 9.20
CA ARG B 56 7.44 13.19 9.16
C ARG B 56 6.44 14.31 9.40
N GLY B 57 6.70 15.14 10.40
CA GLY B 57 5.79 16.23 10.69
C GLY B 57 5.71 16.55 12.17
N HIS B 58 4.77 17.43 12.52
CA HIS B 58 4.60 17.85 13.91
C HIS B 58 3.41 17.22 14.61
N GLY B 59 2.85 16.17 14.02
CA GLY B 59 1.72 15.51 14.64
C GLY B 59 0.38 15.98 14.10
N LEU B 60 -0.64 15.16 14.32
CA LEU B 60 -1.98 15.46 13.84
C LEU B 60 -2.62 16.71 14.46
N GLU B 61 -2.52 16.86 15.79
CA GLU B 61 -3.11 18.02 16.44
C GLU B 61 -2.55 19.34 15.93
N TYR B 62 -1.23 19.44 15.85
CA TYR B 62 -0.59 20.66 15.36
C TYR B 62 -1.00 20.93 13.92
N GLY B 63 -1.09 19.86 13.13
CA GLY B 63 -1.48 19.99 11.73
C GLY B 63 -2.91 20.45 11.52
N VAL B 64 -3.84 19.83 12.23
CA VAL B 64 -5.25 20.19 12.12
C VAL B 64 -5.42 21.64 12.56
N LYS B 65 -4.64 22.04 13.56
CA LYS B 65 -4.68 23.41 14.08
C LYS B 65 -4.19 24.39 13.01
N ALA B 66 -3.06 24.07 12.40
CA ALA B 66 -2.48 24.92 11.37
C ALA B 66 -3.42 25.03 10.18
N LEU B 67 -4.03 23.92 9.78
CA LEU B 67 -4.96 23.91 8.65
C LEU B 67 -6.21 24.71 9.00
N ARG B 68 -6.62 24.64 10.26
CA ARG B 68 -7.79 25.37 10.72
C ARG B 68 -7.52 26.85 10.54
N LYS B 69 -6.29 27.26 10.85
CA LYS B 69 -5.88 28.67 10.73
C LYS B 69 -5.96 29.15 9.29
N VAL B 70 -5.62 28.29 8.34
CA VAL B 70 -5.68 28.65 6.93
C VAL B 70 -7.13 28.86 6.50
N LYS B 71 -8.00 27.94 6.87
CA LYS B 71 -9.41 28.05 6.50
C LYS B 71 -10.07 29.29 7.10
N GLU B 72 -9.75 29.59 8.35
CA GLU B 72 -10.32 30.73 9.03
C GLU B 72 -9.78 32.07 8.54
N GLU B 73 -8.49 32.11 8.22
CA GLU B 73 -7.87 33.35 7.77
C GLU B 73 -8.04 33.62 6.28
N PHE B 74 -8.35 32.60 5.50
CA PHE B 74 -8.49 32.78 4.06
C PHE B 74 -9.80 32.27 3.47
N GLY B 75 -10.58 31.54 4.27
CA GLY B 75 -11.84 31.03 3.78
C GLY B 75 -11.66 30.00 2.66
N LEU B 76 -10.55 29.28 2.70
CA LEU B 76 -10.26 28.26 1.68
C LEU B 76 -10.66 26.87 2.14
N LYS B 77 -11.09 26.03 1.19
CA LYS B 77 -11.46 24.66 1.53
C LYS B 77 -10.15 23.95 1.87
N ILE B 78 -10.25 22.88 2.64
CA ILE B 78 -9.07 22.15 3.08
C ILE B 78 -9.10 20.66 2.75
N THR B 79 -7.91 20.09 2.56
CA THR B 79 -7.76 18.67 2.30
C THR B 79 -6.42 18.21 2.86
N THR B 80 -6.43 17.05 3.49
CA THR B 80 -5.21 16.46 4.03
C THR B 80 -5.44 14.96 4.00
N ASP B 81 -4.38 14.18 4.09
CA ASP B 81 -4.52 12.73 4.05
C ASP B 81 -4.47 12.04 5.40
N ILE B 82 -5.16 10.90 5.50
CA ILE B 82 -5.20 10.12 6.73
C ILE B 82 -4.47 8.81 6.48
N HIS B 83 -4.00 8.18 7.56
CA HIS B 83 -3.23 6.95 7.42
C HIS B 83 -3.77 5.76 8.18
N GLU B 84 -4.60 6.03 9.19
CA GLU B 84 -5.23 4.97 9.96
C GLU B 84 -6.66 5.43 10.22
N SER B 85 -7.57 4.48 10.34
CA SER B 85 -8.99 4.75 10.53
C SER B 85 -9.38 5.76 11.61
N TRP B 86 -8.70 5.74 12.75
CA TRP B 86 -9.03 6.67 13.84
C TRP B 86 -8.82 8.14 13.52
N GLN B 87 -7.99 8.43 12.52
CA GLN B 87 -7.70 9.81 12.17
C GLN B 87 -8.81 10.50 11.37
N ALA B 88 -9.70 9.73 10.76
CA ALA B 88 -10.76 10.30 9.95
C ALA B 88 -11.62 11.31 10.72
N GLU B 89 -12.17 10.90 11.85
CA GLU B 89 -13.03 11.77 12.66
C GLU B 89 -12.41 13.12 13.02
N PRO B 90 -11.25 13.13 13.70
CA PRO B 90 -10.63 14.41 14.06
C PRO B 90 -10.22 15.26 12.86
N VAL B 91 -9.80 14.62 11.78
CA VAL B 91 -9.39 15.35 10.58
C VAL B 91 -10.59 15.97 9.87
N ALA B 92 -11.72 15.25 9.89
CA ALA B 92 -12.94 15.72 9.25
C ALA B 92 -13.48 17.02 9.85
N GLU B 93 -12.95 17.41 11.01
CA GLU B 93 -13.38 18.63 11.67
C GLU B 93 -12.97 19.86 10.84
N VAL B 94 -11.89 19.72 10.08
CA VAL B 94 -11.39 20.82 9.27
C VAL B 94 -11.32 20.51 7.77
N ALA B 95 -11.07 19.25 7.44
CA ALA B 95 -10.94 18.86 6.03
C ALA B 95 -12.25 18.70 5.28
N ASP B 96 -12.36 19.42 4.16
CA ASP B 96 -13.55 19.35 3.32
C ASP B 96 -13.44 18.09 2.47
N ILE B 97 -12.20 17.71 2.15
CA ILE B 97 -11.94 16.52 1.38
C ILE B 97 -10.90 15.69 2.13
N ILE B 98 -11.22 14.43 2.43
CA ILE B 98 -10.27 13.56 3.11
C ILE B 98 -9.54 12.79 2.03
N GLN B 99 -8.21 12.86 2.04
CA GLN B 99 -7.39 12.18 1.04
C GLN B 99 -6.85 10.82 1.51
N ILE B 100 -6.98 9.81 0.65
CA ILE B 100 -6.50 8.46 0.97
C ILE B 100 -5.19 8.23 0.19
N PRO B 101 -4.10 7.92 0.90
CA PRO B 101 -2.79 7.66 0.28
C PRO B 101 -2.84 6.54 -0.75
N ALA B 102 -1.95 6.63 -1.75
CA ALA B 102 -1.89 5.64 -2.83
C ALA B 102 -1.67 4.22 -2.35
N PHE B 103 -0.72 4.02 -1.44
CA PHE B 103 -0.44 2.68 -0.93
C PHE B 103 -1.62 2.11 -0.16
N LEU B 104 -2.47 2.99 0.36
CA LEU B 104 -3.62 2.59 1.17
C LEU B 104 -4.97 2.59 0.46
N CYS B 105 -4.98 2.71 -0.86
CA CYS B 105 -6.23 2.77 -1.61
C CYS B 105 -7.08 1.50 -1.55
N ARG B 106 -6.53 0.41 -1.01
CA ARG B 106 -7.28 -0.84 -0.92
C ARG B 106 -7.66 -1.17 0.53
N GLN B 107 -7.25 -0.34 1.47
CA GLN B 107 -7.55 -0.59 2.89
C GLN B 107 -9.00 -0.22 3.19
N THR B 108 -9.86 -1.23 3.14
CA THR B 108 -11.28 -1.07 3.36
C THR B 108 -11.70 -0.21 4.56
N ASP B 109 -11.13 -0.46 5.72
CA ASP B 109 -11.49 0.31 6.92
C ASP B 109 -11.16 1.80 6.82
N LEU B 110 -10.06 2.12 6.14
CA LEU B 110 -9.65 3.51 6.00
C LEU B 110 -10.63 4.26 5.11
N LEU B 111 -11.06 3.60 4.04
CA LEU B 111 -12.01 4.19 3.10
C LEU B 111 -13.36 4.39 3.79
N LEU B 112 -13.81 3.36 4.51
CA LEU B 112 -15.09 3.44 5.21
C LEU B 112 -15.06 4.51 6.30
N ALA B 113 -13.92 4.62 6.99
CA ALA B 113 -13.78 5.61 8.06
C ALA B 113 -13.91 7.02 7.48
N ALA B 114 -13.31 7.24 6.31
CA ALA B 114 -13.36 8.54 5.67
C ALA B 114 -14.78 8.81 5.18
N ALA B 115 -15.39 7.83 4.54
CA ALA B 115 -16.75 7.99 4.02
C ALA B 115 -17.75 8.28 5.15
N LYS B 116 -17.50 7.70 6.32
CA LYS B 116 -18.40 7.88 7.47
C LYS B 116 -18.45 9.31 8.01
N THR B 117 -17.39 10.09 7.77
CA THR B 117 -17.33 11.46 8.24
C THR B 117 -18.30 12.39 7.52
N GLY B 118 -18.79 11.95 6.37
CA GLY B 118 -19.73 12.76 5.59
C GLY B 118 -19.00 13.71 4.66
N ARG B 119 -17.68 13.75 4.76
CA ARG B 119 -16.87 14.62 3.91
C ARG B 119 -16.62 13.99 2.54
N ALA B 120 -16.11 14.79 1.62
CA ALA B 120 -15.79 14.28 0.29
C ALA B 120 -14.54 13.44 0.48
N VAL B 121 -14.30 12.48 -0.41
CA VAL B 121 -13.13 11.62 -0.31
C VAL B 121 -12.38 11.53 -1.63
N ASN B 122 -11.07 11.78 -1.59
CA ASN B 122 -10.21 11.72 -2.78
C ASN B 122 -9.22 10.58 -2.59
N VAL B 123 -9.30 9.56 -3.43
CA VAL B 123 -8.39 8.41 -3.32
C VAL B 123 -7.28 8.45 -4.35
N LYS B 124 -6.03 8.44 -3.88
CA LYS B 124 -4.88 8.43 -4.78
C LYS B 124 -4.80 7.01 -5.33
N LYS B 125 -4.80 6.85 -6.66
CA LYS B 125 -4.74 5.52 -7.25
C LYS B 125 -3.39 4.86 -7.01
N GLY B 126 -3.40 3.69 -6.39
CA GLY B 126 -2.16 2.97 -6.11
C GLY B 126 -1.34 2.76 -7.37
N GLN B 127 -0.02 2.78 -7.22
CA GLN B 127 0.90 2.58 -8.34
C GLN B 127 0.79 1.15 -8.88
N PHE B 128 0.10 0.30 -8.13
CA PHE B 128 -0.09 -1.11 -8.47
C PHE B 128 -1.46 -1.40 -9.07
N LEU B 129 -2.33 -0.41 -9.02
CA LEU B 129 -3.70 -0.57 -9.51
C LEU B 129 -3.93 -0.25 -10.99
N ALA B 130 -4.76 -1.06 -11.63
CA ALA B 130 -5.11 -0.84 -13.04
C ALA B 130 -6.28 0.15 -12.97
N PRO B 131 -6.46 0.98 -14.01
CA PRO B 131 -7.55 1.96 -14.03
C PRO B 131 -8.93 1.39 -13.77
N TRP B 132 -9.25 0.28 -14.42
CA TRP B 132 -10.55 -0.35 -14.27
C TRP B 132 -10.80 -0.91 -12.88
N ASP B 133 -9.73 -1.18 -12.14
CA ASP B 133 -9.89 -1.72 -10.80
C ASP B 133 -10.22 -0.67 -9.75
N THR B 134 -10.39 0.58 -10.19
CA THR B 134 -10.76 1.63 -9.24
C THR B 134 -12.28 1.62 -9.07
N LYS B 135 -12.97 0.88 -9.94
CA LYS B 135 -14.42 0.81 -9.83
C LYS B 135 -14.80 0.27 -8.46
N ASN B 136 -14.09 -0.77 -8.01
CA ASN B 136 -14.35 -1.36 -6.70
C ASN B 136 -14.02 -0.40 -5.57
N VAL B 137 -13.06 0.50 -5.78
CA VAL B 137 -12.70 1.47 -4.76
C VAL B 137 -13.88 2.42 -4.53
N VAL B 138 -14.46 2.90 -5.62
CA VAL B 138 -15.60 3.80 -5.55
C VAL B 138 -16.78 3.09 -4.90
N GLU B 139 -16.98 1.82 -5.21
CA GLU B 139 -18.08 1.07 -4.62
C GLU B 139 -17.95 0.98 -3.10
N LYS B 140 -16.73 0.87 -2.58
CA LYS B 140 -16.54 0.79 -1.14
C LYS B 140 -16.97 2.11 -0.50
N LEU B 141 -16.55 3.22 -1.09
CA LEU B 141 -16.89 4.54 -0.56
C LEU B 141 -18.39 4.79 -0.61
N LYS B 142 -19.04 4.41 -1.71
CA LYS B 142 -20.48 4.61 -1.82
C LYS B 142 -21.17 3.80 -0.72
N PHE B 143 -20.73 2.56 -0.57
CA PHE B 143 -21.28 1.66 0.45
C PHE B 143 -21.10 2.31 1.82
N GLY B 144 -19.99 3.04 1.98
CA GLY B 144 -19.70 3.71 3.23
C GLY B 144 -20.47 5.00 3.43
N GLY B 145 -21.23 5.42 2.42
CA GLY B 145 -22.01 6.64 2.54
C GLY B 145 -21.41 7.87 1.86
N ALA B 146 -20.28 7.70 1.20
CA ALA B 146 -19.63 8.81 0.51
C ALA B 146 -20.47 9.25 -0.68
N LYS B 147 -20.61 10.57 -0.85
CA LYS B 147 -21.39 11.12 -1.95
C LYS B 147 -20.46 11.80 -2.98
N GLU B 148 -19.48 12.56 -2.48
CA GLU B 148 -18.54 13.25 -3.35
C GLU B 148 -17.26 12.42 -3.35
N ILE B 149 -16.95 11.81 -4.50
CA ILE B 149 -15.79 10.95 -4.62
C ILE B 149 -14.83 11.32 -5.76
N TYR B 150 -13.54 11.35 -5.45
CA TYR B 150 -12.53 11.65 -6.47
C TYR B 150 -11.47 10.55 -6.55
N LEU B 151 -10.92 10.36 -7.73
CA LEU B 151 -9.85 9.39 -7.96
C LEU B 151 -8.70 10.20 -8.54
N THR B 152 -7.51 10.04 -7.98
CA THR B 152 -6.36 10.81 -8.46
C THR B 152 -5.31 9.96 -9.16
N GLU B 153 -4.99 10.36 -10.39
CA GLU B 153 -3.97 9.70 -11.19
C GLU B 153 -2.62 10.21 -10.69
N ARG B 154 -1.75 9.30 -10.25
CA ARG B 154 -0.43 9.71 -9.78
C ARG B 154 0.69 8.81 -10.29
N GLY B 155 0.46 8.15 -11.42
CA GLY B 155 1.47 7.29 -12.00
C GLY B 155 1.33 5.82 -11.66
N THR B 156 1.97 4.98 -12.48
CA THR B 156 1.91 3.54 -12.29
C THR B 156 3.32 2.96 -12.34
N THR B 157 3.56 1.94 -11.52
CA THR B 157 4.87 1.30 -11.45
C THR B 157 5.33 0.87 -12.85
N PHE B 158 6.50 1.36 -13.25
CA PHE B 158 7.06 1.04 -14.56
C PHE B 158 8.50 0.60 -14.33
N GLY B 159 8.69 -0.69 -14.04
CA GLY B 159 10.01 -1.18 -13.74
C GLY B 159 10.31 -0.69 -12.34
N TYR B 160 11.59 -0.53 -12.00
CA TYR B 160 11.99 -0.08 -10.67
C TYR B 160 12.29 1.42 -10.60
N ASN B 161 11.91 2.04 -9.48
CA ASN B 161 12.18 3.46 -9.24
C ASN B 161 11.73 4.37 -10.37
N ASN B 162 10.60 4.04 -10.97
CA ASN B 162 10.11 4.85 -12.09
C ASN B 162 8.60 4.71 -12.19
N LEU B 163 7.94 5.81 -12.49
CA LEU B 163 6.50 5.79 -12.66
C LEU B 163 6.18 6.32 -14.04
N VAL B 164 5.13 5.78 -14.66
CA VAL B 164 4.70 6.24 -15.96
C VAL B 164 3.24 6.65 -15.81
N VAL B 165 2.83 7.66 -16.56
CA VAL B 165 1.43 8.08 -16.52
C VAL B 165 0.77 7.55 -17.77
N ASP B 166 -0.16 6.61 -17.57
CA ASP B 166 -0.90 6.04 -18.69
C ASP B 166 -2.16 6.91 -18.77
N PHE B 167 -2.15 7.88 -19.67
CA PHE B 167 -3.30 8.78 -19.78
C PHE B 167 -4.62 8.13 -20.18
N ARG B 168 -4.59 6.87 -20.58
CA ARG B 168 -5.81 6.16 -20.91
C ARG B 168 -6.64 6.04 -19.64
N SER B 169 -5.99 6.15 -18.48
CA SER B 169 -6.68 6.02 -17.20
C SER B 169 -7.68 7.14 -16.92
N LEU B 170 -7.43 8.32 -17.46
CA LEU B 170 -8.34 9.44 -17.23
C LEU B 170 -9.75 9.14 -17.73
N PRO B 171 -9.92 8.80 -19.01
CA PRO B 171 -11.28 8.51 -19.47
C PRO B 171 -11.90 7.25 -18.87
N ILE B 172 -11.05 6.30 -18.46
CA ILE B 172 -11.54 5.07 -17.85
C ILE B 172 -12.10 5.31 -16.45
N MET B 173 -11.36 6.05 -15.62
CA MET B 173 -11.80 6.32 -14.26
C MET B 173 -13.00 7.26 -14.21
N LYS B 174 -13.10 8.13 -15.21
CA LYS B 174 -14.20 9.09 -15.29
C LYS B 174 -15.58 8.42 -15.36
N GLN B 175 -15.60 7.13 -15.67
CA GLN B 175 -16.85 6.39 -15.75
C GLN B 175 -17.54 6.27 -14.40
N TRP B 176 -16.75 6.32 -13.33
CA TRP B 176 -17.32 6.16 -11.99
C TRP B 176 -16.96 7.19 -10.93
N ALA B 177 -16.18 8.20 -11.30
CA ALA B 177 -15.82 9.23 -10.35
C ALA B 177 -15.17 10.43 -11.01
N LYS B 178 -15.09 11.54 -10.29
CA LYS B 178 -14.44 12.72 -10.83
C LYS B 178 -12.97 12.38 -10.78
N VAL B 179 -12.22 12.82 -11.78
CA VAL B 179 -10.80 12.49 -11.86
C VAL B 179 -9.88 13.69 -11.71
N ILE B 180 -8.89 13.54 -10.83
CA ILE B 180 -7.91 14.58 -10.57
C ILE B 180 -6.55 14.07 -11.04
N TYR B 181 -5.74 14.96 -11.60
CA TYR B 181 -4.40 14.57 -12.04
C TYR B 181 -3.35 15.15 -11.09
N ASP B 182 -2.56 14.26 -10.49
CA ASP B 182 -1.49 14.67 -9.57
C ASP B 182 -0.27 14.98 -10.44
N ALA B 183 0.01 16.26 -10.62
CA ALA B 183 1.12 16.70 -11.45
C ALA B 183 2.50 16.60 -10.84
N THR B 184 2.58 16.54 -9.52
CA THR B 184 3.89 16.49 -8.88
C THR B 184 4.45 15.11 -8.56
N HIS B 185 3.61 14.17 -8.13
CA HIS B 185 4.13 12.84 -7.80
C HIS B 185 4.23 11.91 -8.99
N SER B 186 3.48 12.22 -10.04
CA SER B 186 3.45 11.39 -11.25
C SER B 186 4.76 11.33 -12.03
N VAL B 187 5.66 12.29 -11.79
CA VAL B 187 6.91 12.34 -12.51
C VAL B 187 8.09 11.78 -11.72
N GLN B 188 8.06 10.48 -11.45
CA GLN B 188 9.13 9.84 -10.70
C GLN B 188 10.08 9.11 -11.65
N LEU B 189 11.31 9.58 -11.72
CA LEU B 189 12.34 8.97 -12.56
C LEU B 189 13.41 8.34 -11.68
N PRO B 190 14.12 7.32 -12.21
CA PRO B 190 15.19 6.63 -11.47
C PRO B 190 16.24 7.60 -10.92
N GLY B 199 12.10 12.91 -8.56
CA GLY B 199 11.67 12.68 -9.92
C GLY B 199 12.33 13.65 -10.88
N MET B 200 11.53 14.51 -11.51
CA MET B 200 12.07 15.49 -12.45
C MET B 200 11.07 16.61 -12.70
N ARG B 201 11.36 17.77 -12.12
CA ARG B 201 10.50 18.95 -12.25
C ARG B 201 10.26 19.42 -13.67
N GLU B 202 11.21 19.19 -14.57
CA GLU B 202 11.07 19.62 -15.96
C GLU B 202 9.91 18.95 -16.69
N PHE B 203 9.38 17.87 -16.12
CA PHE B 203 8.27 17.17 -16.77
C PHE B 203 6.90 17.50 -16.20
N ILE B 204 6.88 18.24 -15.10
CA ILE B 204 5.61 18.59 -14.46
C ILE B 204 4.63 19.36 -15.35
N PHE B 205 5.07 20.49 -15.88
CA PHE B 205 4.23 21.32 -16.74
C PHE B 205 3.77 20.56 -18.01
N PRO B 206 4.72 19.92 -18.72
CA PRO B 206 4.35 19.18 -19.93
C PRO B 206 3.22 18.17 -19.70
N LEU B 207 3.32 17.39 -18.62
CA LEU B 207 2.29 16.38 -18.35
C LEU B 207 0.98 16.98 -17.82
N ILE B 208 1.07 18.15 -17.19
CA ILE B 208 -0.13 18.83 -16.72
C ILE B 208 -0.91 19.24 -17.97
N ARG B 209 -0.19 19.72 -18.99
CA ARG B 209 -0.84 20.13 -20.22
C ARG B 209 -1.52 18.92 -20.86
N ALA B 210 -0.84 17.78 -20.82
CA ALA B 210 -1.40 16.55 -21.38
C ALA B 210 -2.70 16.18 -20.66
N ALA B 211 -2.67 16.24 -19.33
CA ALA B 211 -3.85 15.89 -18.54
C ALA B 211 -5.09 16.71 -18.92
N VAL B 212 -4.94 18.02 -19.08
CA VAL B 212 -6.07 18.86 -19.42
C VAL B 212 -6.49 18.71 -20.88
N ALA B 213 -5.54 18.34 -21.75
CA ALA B 213 -5.87 18.14 -23.15
C ALA B 213 -6.71 16.87 -23.25
N VAL B 214 -6.37 15.87 -22.44
CA VAL B 214 -7.10 14.61 -22.43
C VAL B 214 -8.46 14.83 -21.79
N GLY B 215 -8.46 15.52 -20.65
CA GLY B 215 -9.68 15.80 -19.94
C GLY B 215 -9.73 15.23 -18.54
N CYS B 216 -9.79 16.12 -17.55
CA CYS B 216 -9.88 15.70 -16.14
C CYS B 216 -10.74 16.74 -15.41
N ASP B 217 -11.05 16.47 -14.15
CA ASP B 217 -11.89 17.39 -13.38
C ASP B 217 -11.11 18.32 -12.46
N GLY B 218 -9.81 18.12 -12.42
CA GLY B 218 -8.99 18.96 -11.57
C GLY B 218 -7.54 18.52 -11.59
N VAL B 219 -6.67 19.35 -11.03
CA VAL B 219 -5.26 19.04 -10.96
C VAL B 219 -4.81 19.21 -9.52
N PHE B 220 -3.83 18.39 -9.13
CA PHE B 220 -3.27 18.40 -7.79
C PHE B 220 -1.81 18.80 -7.97
N MET B 221 -1.39 19.84 -7.26
CA MET B 221 -0.01 20.32 -7.36
C MET B 221 0.56 20.75 -6.02
N GLU B 222 1.71 20.17 -5.64
CA GLU B 222 2.34 20.57 -4.41
C GLU B 222 3.21 21.77 -4.77
N THR B 223 3.15 22.81 -3.95
CA THR B 223 3.91 24.03 -4.20
C THR B 223 4.54 24.53 -2.91
N HIS B 224 5.74 25.09 -3.02
CA HIS B 224 6.48 25.58 -1.86
C HIS B 224 7.23 26.84 -2.25
N PRO B 225 7.31 27.84 -1.34
CA PRO B 225 8.01 29.09 -1.63
C PRO B 225 9.46 28.85 -2.07
N GLU B 226 10.12 27.89 -1.43
CA GLU B 226 11.50 27.56 -1.75
C GLU B 226 11.66 26.04 -1.72
N PRO B 227 11.21 25.36 -2.78
CA PRO B 227 11.30 23.89 -2.87
C PRO B 227 12.67 23.34 -2.44
N GLU B 228 13.72 24.09 -2.73
CA GLU B 228 15.08 23.69 -2.39
C GLU B 228 15.24 23.44 -0.89
N LYS B 229 14.40 24.10 -0.08
CA LYS B 229 14.46 23.95 1.37
C LYS B 229 13.34 23.08 1.92
N ALA B 230 12.49 22.55 1.04
CA ALA B 230 11.38 21.71 1.48
C ALA B 230 11.92 20.49 2.23
N LEU B 231 11.17 20.05 3.23
CA LEU B 231 11.58 18.90 4.03
C LEU B 231 11.03 17.60 3.45
N SER B 232 10.32 17.73 2.32
CA SER B 232 9.73 16.58 1.65
C SER B 232 9.44 16.94 0.19
N ASP B 233 9.66 15.98 -0.71
CA ASP B 233 9.42 16.20 -2.14
C ASP B 233 10.09 17.48 -2.64
N ALA B 234 11.29 17.76 -2.14
CA ALA B 234 12.01 18.97 -2.54
C ALA B 234 12.31 19.02 -4.03
N SER B 235 12.57 17.85 -4.63
CA SER B 235 12.89 17.78 -6.05
C SER B 235 11.68 17.94 -6.97
N THR B 236 10.48 17.86 -6.41
CA THR B 236 9.27 17.96 -7.24
C THR B 236 8.27 19.05 -6.89
N GLN B 237 8.44 19.73 -5.75
CA GLN B 237 7.50 20.78 -5.39
C GLN B 237 7.65 22.01 -6.28
N LEU B 238 6.52 22.48 -6.79
CA LEU B 238 6.50 23.63 -7.68
C LEU B 238 6.76 24.95 -6.96
N PRO B 239 7.67 25.79 -7.50
CA PRO B 239 7.93 27.06 -6.85
C PRO B 239 6.63 27.87 -6.82
N LEU B 240 6.28 28.41 -5.67
CA LEU B 240 5.05 29.18 -5.52
C LEU B 240 4.81 30.21 -6.62
N SER B 241 5.86 30.93 -7.00
CA SER B 241 5.76 31.98 -8.02
C SER B 241 5.37 31.50 -9.41
N GLN B 242 5.48 30.19 -9.65
CA GLN B 242 5.14 29.65 -10.97
C GLN B 242 3.72 29.11 -11.04
N LEU B 243 3.03 29.05 -9.91
CA LEU B 243 1.68 28.53 -9.86
C LEU B 243 0.66 29.29 -10.71
N GLU B 244 0.67 30.61 -10.63
CA GLU B 244 -0.28 31.41 -11.42
C GLU B 244 -0.16 31.12 -12.91
N GLY B 245 1.06 31.12 -13.41
CA GLY B 245 1.29 30.88 -14.84
C GLY B 245 0.79 29.53 -15.31
N ILE B 246 1.00 28.50 -14.49
CA ILE B 246 0.55 27.16 -14.85
C ILE B 246 -0.96 27.07 -14.82
N ILE B 247 -1.59 27.71 -13.83
CA ILE B 247 -3.04 27.67 -13.74
C ILE B 247 -3.66 28.33 -14.96
N GLU B 248 -3.14 29.50 -15.34
CA GLU B 248 -3.67 30.19 -16.52
C GLU B 248 -3.50 29.31 -17.77
N ALA B 249 -2.34 28.67 -17.90
CA ALA B 249 -2.08 27.80 -19.04
C ALA B 249 -3.11 26.67 -19.08
N ILE B 250 -3.35 26.09 -17.90
CA ILE B 250 -4.33 25.02 -17.72
C ILE B 250 -5.72 25.42 -18.22
N LEU B 251 -6.18 26.57 -17.77
CA LEU B 251 -7.50 27.06 -18.15
C LEU B 251 -7.62 27.32 -19.65
N GLU B 252 -6.58 27.89 -20.25
CA GLU B 252 -6.60 28.18 -21.68
C GLU B 252 -6.68 26.90 -22.50
N ILE B 253 -5.83 25.93 -22.18
CA ILE B 253 -5.83 24.66 -22.91
C ILE B 253 -7.15 23.93 -22.73
N ARG B 254 -7.65 23.91 -21.50
CA ARG B 254 -8.92 23.27 -21.19
C ARG B 254 -10.07 23.92 -21.98
N GLU B 255 -10.06 25.25 -22.04
CA GLU B 255 -11.12 25.97 -22.75
C GLU B 255 -11.22 25.48 -24.19
N VAL B 256 -10.09 25.35 -24.85
CA VAL B 256 -10.05 24.89 -26.24
C VAL B 256 -10.30 23.39 -26.37
N ALA B 257 -9.59 22.61 -25.58
CA ALA B 257 -9.69 21.15 -25.64
C ALA B 257 -11.02 20.56 -25.19
N SER B 258 -11.66 21.18 -24.20
CA SER B 258 -12.92 20.68 -23.65
C SER B 258 -13.96 20.39 -24.71
N LYS B 259 -13.85 21.06 -25.85
CA LYS B 259 -14.78 20.85 -26.94
C LYS B 259 -14.74 19.39 -27.40
N TYR B 260 -13.57 18.76 -27.26
CA TYR B 260 -13.38 17.39 -27.70
C TYR B 260 -13.40 16.28 -26.64
N TYR B 261 -13.66 16.63 -25.38
CA TYR B 261 -13.69 15.61 -24.33
C TYR B 261 -14.80 14.62 -24.66
N GLU B 262 -14.48 13.33 -24.67
CA GLU B 262 -15.45 12.29 -24.97
C GLU B 262 -16.56 12.26 -23.90
N THR B 263 -17.78 11.91 -24.32
CA THR B 263 -18.90 11.84 -23.39
C THR B 263 -18.75 10.65 -22.45
N ILE B 264 -18.83 10.92 -21.15
CA ILE B 264 -18.70 9.91 -20.09
C ILE B 264 -17.64 8.84 -20.36
CD CD C . -3.74 -15.16 0.57
OA4 H4P D . -5.27 -12.27 -4.02
CA4 H4P D . -5.60 -11.54 -2.80
CA5 H4P D . -6.37 -10.21 -3.22
OP4 H4P D . -7.81 -10.22 -3.03
PA H4P D . -9.02 -10.01 -3.98
OP1 H4P D . -10.12 -9.36 -3.10
OP2 H4P D . -8.74 -9.14 -5.22
OP3 H4P D . -9.44 -11.43 -4.44
CA3 H4P D . -4.25 -11.47 -1.94
OA3 H4P D . -3.17 -10.82 -2.67
CA2 H4P D . -4.40 -10.76 -0.51
OA2 H4P D . -4.09 -9.35 -0.41
CA1 H4P D . -3.51 -11.61 0.53
OA1 H4P D . -4.13 -12.81 1.05
C3 H4P D . -2.91 -10.93 1.84
N H4P D . -1.61 -11.32 2.12
C4 H4P D . -0.50 -10.80 1.48
P H4P D . 0.00 -9.58 0.81
O1P H4P D . -0.12 -8.51 1.90
O2P H4P D . -0.94 -9.35 -0.39
O3P H4P D . 1.42 -10.03 0.38
CD CD E . 4.11 15.18 -1.63
OA4 H4P F . 7.40 9.16 -3.07
OA4 H4P F . 8.17 8.41 -0.54
CA4 H4P F . 7.27 10.36 -2.25
CA4 H4P F . 7.58 9.67 -0.93
CA5 H4P F . 8.71 10.70 -1.64
CA5 H4P F . 8.75 10.76 -1.03
OP4 H4P F . 9.18 10.27 -0.33
OP4 H4P F . 9.66 10.57 0.09
PA H4P F . 10.48 9.56 0.14
PA H4P F . 10.93 9.71 0.30
OP1 H4P F . 10.21 8.98 1.53
OP1 H4P F . 10.87 9.25 1.77
OP2 H4P F . 11.14 8.51 -0.78
OP2 H4P F . 11.14 8.47 -0.61
OP3 H4P F . 11.40 10.80 0.34
OP3 H4P F . 12.04 10.73 -0.01
CA3 H4P F . 5.93 10.13 -1.40
CA3 H4P F . 6.36 9.91 0.09
OA3 H4P F . 5.83 8.92 -0.59
OA3 H4P F . 6.71 9.98 1.48
CA2 H4P F . 5.57 11.39 -0.49
CA2 H4P F . 5.42 11.17 -0.27
OA2 H4P F . 6.01 11.40 0.90
OA2 H4P F . 5.66 12.50 0.26
CA1 H4P F . 4.01 11.78 -0.62
CA1 H4P F . 3.88 10.74 -0.10
OA1 H4P F . 3.89 13.19 -0.36
OA1 H4P F . 3.66 9.37 -0.54
C3 H4P F . 2.82 11.17 0.26
C3 H4P F . 2.92 11.54 -1.10
N H4P F . 1.52 11.18 -0.23
N H4P F . 1.56 11.54 -0.89
C4 H4P F . 1.00 10.75 -1.44
C4 H4P F . 0.83 10.85 -1.85
P H4P F . 0.82 9.49 -2.21
P H4P F . 0.48 9.48 -2.29
O1P H4P F . -0.09 8.64 -1.28
O1P H4P F . -0.27 8.81 -1.11
O2P H4P F . 2.28 8.99 -2.36
O2P H4P F . 1.85 8.82 -2.59
O3P H4P F . 0.21 9.87 -3.57
O3P H4P F . -0.32 9.63 -3.61
#